data_5UVM
#
_entry.id   5UVM
#
_cell.length_a   78.804
_cell.length_b   78.804
_cell.length_c   114.885
_cell.angle_alpha   90.00
_cell.angle_beta   90.00
_cell.angle_gamma   90.00
#
_symmetry.space_group_name_H-M   'P 41 2 2'
#
loop_
_entity.id
_entity.type
_entity.pdbx_description
1 polymer 'Histidine triad (HIT) protein'
2 non-polymer 'ZINC ION'
3 non-polymer 'UNKNOWN ATOM OR ION'
4 non-polymer ADENOSINE
5 water water
#
_entity_poly.entity_id   1
_entity_poly.type   'polypeptide(L)'
_entity_poly.pdbx_seq_one_letter_code
;(MSE)GSSHHHHHHSSGLVPRGSQSTSLYKKAGL(MSE)YTLENCVFCKIIKRELPSTIYYEDERVIAIKDINPAAPVHV
LIIPKEHIANVKEINESNAQILIDIHKAANKVAEDLGIAEKGYRLITNCGVAAGQTVFHLHYHLLGGVD(MSE)GPKIL
;
_entity_poly.pdbx_strand_id   A,B
#
# COMPACT_ATOMS: atom_id res chain seq x y z
N THR A 33 -10.51 -5.25 14.76
CA THR A 33 -9.16 -5.80 14.42
C THR A 33 -8.84 -6.98 15.39
N LEU A 34 -8.10 -7.99 14.93
CA LEU A 34 -7.52 -9.06 15.77
C LEU A 34 -5.97 -8.83 15.75
N GLU A 35 -5.38 -8.81 16.94
CA GLU A 35 -3.93 -8.68 17.09
C GLU A 35 -3.15 -9.62 16.17
N ASN A 36 -3.50 -10.91 16.22
CA ASN A 36 -2.72 -11.96 15.55
C ASN A 36 -3.07 -12.29 14.05
N CYS A 37 -3.77 -11.38 13.36
CA CYS A 37 -4.28 -11.65 12.01
C CYS A 37 -3.45 -10.90 11.02
N VAL A 38 -2.81 -11.63 10.12
CA VAL A 38 -1.95 -11.06 9.09
C VAL A 38 -2.62 -9.97 8.27
N PHE A 39 -3.92 -10.13 7.95
CA PHE A 39 -4.57 -9.17 7.07
C PHE A 39 -4.83 -7.90 7.88
N CYS A 40 -5.36 -8.07 9.09
CA CYS A 40 -5.48 -6.94 10.02
C CYS A 40 -4.16 -6.15 10.13
N LYS A 41 -3.05 -6.86 10.26
CA LYS A 41 -1.73 -6.19 10.30
C LYS A 41 -1.43 -5.39 9.04
N ILE A 42 -1.65 -6.03 7.89
CA ILE A 42 -1.49 -5.37 6.61
C ILE A 42 -2.30 -4.07 6.55
N ILE A 43 -3.54 -4.12 7.05
CA ILE A 43 -4.43 -2.98 6.99
C ILE A 43 -3.90 -1.82 7.83
N LYS A 44 -3.36 -2.15 9.01
CA LYS A 44 -2.81 -1.16 9.95
C LYS A 44 -1.36 -0.79 9.63
N ARG A 45 -0.80 -1.32 8.55
CA ARG A 45 0.51 -0.91 8.04
C ARG A 45 1.66 -1.45 8.87
N GLU A 46 1.41 -2.55 9.57
CA GLU A 46 2.46 -3.27 10.26
C GLU A 46 3.19 -4.23 9.36
N LEU A 47 2.65 -4.51 8.16
CA LEU A 47 3.35 -5.28 7.12
C LEU A 47 3.12 -4.67 5.77
N PRO A 48 4.02 -4.95 4.84
CA PRO A 48 3.88 -4.35 3.52
C PRO A 48 2.78 -5.03 2.67
N SER A 49 2.46 -4.39 1.55
CA SER A 49 1.44 -4.86 0.65
C SER A 49 1.54 -4.14 -0.66
N THR A 50 0.86 -4.70 -1.66
CA THR A 50 0.64 -4.07 -2.92
C THR A 50 -0.88 -3.94 -2.97
N ILE A 51 -1.36 -2.70 -2.91
CA ILE A 51 -2.77 -2.38 -2.70
C ILE A 51 -3.39 -1.83 -3.98
N TYR A 52 -4.35 -2.56 -4.56
CA TYR A 52 -4.98 -2.16 -5.83
C TYR A 52 -6.25 -1.35 -5.62
N TYR A 53 -6.84 -1.38 -4.43
CA TYR A 53 -7.99 -0.57 -4.15
C TYR A 53 -8.15 -0.47 -2.67
N GLU A 54 -8.63 0.68 -2.21
CA GLU A 54 -8.89 0.88 -0.79
C GLU A 54 -9.87 1.98 -0.48
N ASP A 55 -10.72 1.72 0.53
CA ASP A 55 -11.48 2.76 1.22
C ASP A 55 -11.63 2.39 2.71
N GLU A 56 -12.58 2.99 3.42
CA GLU A 56 -12.75 2.71 4.85
C GLU A 56 -13.34 1.34 5.12
N ARG A 57 -13.91 0.67 4.14
CA ARG A 57 -14.61 -0.61 4.35
C ARG A 57 -13.88 -1.84 3.79
N VAL A 58 -13.03 -1.65 2.79
CA VAL A 58 -12.46 -2.77 2.06
C VAL A 58 -11.10 -2.43 1.46
N ILE A 59 -10.31 -3.46 1.27
CA ILE A 59 -9.01 -3.33 0.67
C ILE A 59 -8.75 -4.51 -0.23
N ALA A 60 -8.01 -4.26 -1.29
CA ALA A 60 -7.66 -5.29 -2.23
C ALA A 60 -6.18 -5.29 -2.46
N ILE A 61 -5.58 -6.44 -2.23
CA ILE A 61 -4.15 -6.60 -2.27
C ILE A 61 -3.71 -7.75 -3.12
N LYS A 62 -2.46 -7.69 -3.52
CA LYS A 62 -1.85 -8.75 -4.26
C LYS A 62 -1.59 -9.94 -3.36
N ASP A 63 -1.90 -11.12 -3.87
CA ASP A 63 -1.51 -12.34 -3.22
C ASP A 63 -0.08 -12.61 -3.58
N ILE A 64 0.78 -12.79 -2.57
CA ILE A 64 2.24 -13.01 -2.82
C ILE A 64 2.61 -14.45 -3.23
N ASN A 65 1.67 -15.39 -3.17
CA ASN A 65 1.87 -16.71 -3.75
CA ASN A 65 1.84 -16.73 -3.78
C ASN A 65 0.74 -16.92 -4.80
N PRO A 66 0.82 -16.18 -5.92
CA PRO A 66 -0.31 -16.25 -6.86
C PRO A 66 -0.57 -17.62 -7.44
N ALA A 67 -1.85 -17.95 -7.57
CA ALA A 67 -2.32 -19.18 -8.17
C ALA A 67 -2.73 -18.92 -9.64
N ALA A 68 -2.68 -17.66 -10.10
CA ALA A 68 -2.95 -17.29 -11.48
C ALA A 68 -2.21 -16.00 -11.76
N PRO A 69 -2.07 -15.61 -13.03
CA PRO A 69 -1.34 -14.35 -13.36
C PRO A 69 -1.87 -13.11 -12.67
N VAL A 70 -3.16 -13.11 -12.39
CA VAL A 70 -3.70 -12.08 -11.57
C VAL A 70 -4.41 -12.78 -10.45
N HIS A 71 -4.00 -12.44 -9.24
CA HIS A 71 -4.51 -13.04 -8.01
C HIS A 71 -4.49 -11.94 -6.93
N VAL A 72 -5.69 -11.42 -6.67
CA VAL A 72 -5.95 -10.35 -5.74
C VAL A 72 -6.84 -10.90 -4.66
N LEU A 73 -6.64 -10.44 -3.42
CA LEU A 73 -7.46 -10.76 -2.28
C LEU A 73 -8.28 -9.53 -1.98
N ILE A 74 -9.59 -9.69 -1.90
CA ILE A 74 -10.48 -8.61 -1.57
C ILE A 74 -10.89 -8.84 -0.14
N ILE A 75 -10.55 -7.88 0.72
CA ILE A 75 -10.61 -8.06 2.17
C ILE A 75 -11.41 -6.93 2.82
N PRO A 76 -12.52 -7.25 3.49
CA PRO A 76 -13.16 -6.24 4.35
C PRO A 76 -12.31 -5.80 5.52
N LYS A 77 -12.25 -4.52 5.82
CA LYS A 77 -11.45 -4.05 6.95
C LYS A 77 -11.92 -4.59 8.27
N GLU A 78 -13.21 -4.86 8.42
CA GLU A 78 -13.70 -5.43 9.65
C GLU A 78 -13.28 -6.91 9.69
N HIS A 79 -12.70 -7.33 10.81
CA HIS A 79 -12.27 -8.69 11.01
C HIS A 79 -13.49 -9.56 11.32
N ILE A 80 -13.80 -10.44 10.38
CA ILE A 80 -14.88 -11.41 10.43
C ILE A 80 -14.19 -12.66 9.87
N ALA A 81 -14.46 -13.83 10.42
CA ALA A 81 -13.67 -15.00 10.10
C ALA A 81 -13.80 -15.48 8.64
N ASN A 82 -15.04 -15.57 8.17
CA ASN A 82 -15.38 -16.02 6.82
C ASN A 82 -16.88 -15.76 6.56
N VAL A 83 -17.44 -16.19 5.42
CA VAL A 83 -18.85 -15.84 5.13
C VAL A 83 -19.91 -16.49 6.00
N LYS A 84 -19.57 -17.55 6.73
CA LYS A 84 -20.46 -18.06 7.80
C LYS A 84 -20.81 -17.02 8.85
N GLU A 85 -19.96 -16.03 9.07
CA GLU A 85 -20.25 -14.97 10.04
C GLU A 85 -21.00 -13.81 9.43
N ILE A 86 -21.25 -13.80 8.12
CA ILE A 86 -22.05 -12.74 7.53
C ILE A 86 -23.51 -12.95 7.91
N ASN A 87 -24.18 -11.86 8.32
CA ASN A 87 -25.62 -11.89 8.69
C ASN A 87 -26.25 -10.53 8.40
N GLU A 88 -27.55 -10.40 8.73
CA GLU A 88 -28.32 -9.17 8.54
C GLU A 88 -27.55 -7.88 8.98
N SER A 89 -26.79 -7.93 10.07
CA SER A 89 -26.10 -6.73 10.55
C SER A 89 -24.89 -6.26 9.72
N ASN A 90 -24.18 -7.18 9.05
CA ASN A 90 -22.93 -6.81 8.32
C ASN A 90 -22.92 -7.12 6.82
N ALA A 91 -23.97 -7.75 6.32
CA ALA A 91 -23.96 -8.27 4.94
C ALA A 91 -23.72 -7.23 3.84
N GLN A 92 -23.96 -5.94 4.08
CA GLN A 92 -23.71 -4.92 3.04
C GLN A 92 -22.26 -4.93 2.51
N ILE A 93 -21.32 -5.41 3.32
CA ILE A 93 -19.91 -5.54 2.91
C ILE A 93 -19.69 -6.41 1.67
N LEU A 94 -20.58 -7.39 1.47
CA LEU A 94 -20.54 -8.19 0.23
C LEU A 94 -20.59 -7.34 -1.03
N ILE A 95 -21.34 -6.26 -0.95
CA ILE A 95 -21.46 -5.31 -2.05
C ILE A 95 -20.14 -4.62 -2.33
N ASP A 96 -19.53 -4.12 -1.26
CA ASP A 96 -18.22 -3.46 -1.39
C ASP A 96 -17.24 -4.43 -1.96
N ILE A 97 -17.27 -5.65 -1.44
CA ILE A 97 -16.38 -6.69 -1.90
C ILE A 97 -16.51 -6.91 -3.38
N HIS A 98 -17.76 -7.05 -3.88
CA HIS A 98 -17.94 -7.32 -5.31
C HIS A 98 -17.71 -6.08 -6.15
N LYS A 99 -18.00 -4.93 -5.60
CA LYS A 99 -17.66 -3.69 -6.29
C LYS A 99 -16.16 -3.59 -6.56
N ALA A 100 -15.38 -3.78 -5.51
CA ALA A 100 -13.93 -3.66 -5.66
C ALA A 100 -13.34 -4.76 -6.55
N ALA A 101 -13.86 -5.99 -6.44
CA ALA A 101 -13.48 -7.06 -7.36
C ALA A 101 -13.66 -6.64 -8.83
N ASN A 102 -14.81 -6.06 -9.15
CA ASN A 102 -15.04 -5.57 -10.50
C ASN A 102 -14.09 -4.44 -10.90
N LYS A 103 -13.85 -3.47 -10.01
CA LYS A 103 -13.01 -2.30 -10.38
C LYS A 103 -11.59 -2.78 -10.62
N VAL A 104 -11.11 -3.62 -9.71
CA VAL A 104 -9.73 -4.14 -9.86
C VAL A 104 -9.63 -5.00 -11.10
N ALA A 105 -10.66 -5.83 -11.37
CA ALA A 105 -10.63 -6.67 -12.57
C ALA A 105 -10.46 -5.81 -13.84
N GLU A 106 -11.15 -4.67 -13.86
CA GLU A 106 -10.94 -3.68 -14.94
C GLU A 106 -9.56 -3.06 -14.91
N ASP A 107 -9.16 -2.51 -13.78
CA ASP A 107 -7.83 -1.89 -13.66
C ASP A 107 -6.72 -2.84 -14.11
N LEU A 108 -6.80 -4.13 -13.76
CA LEU A 108 -5.73 -5.07 -14.12
C LEU A 108 -5.89 -5.78 -15.45
N GLY A 109 -6.90 -5.41 -16.25
CA GLY A 109 -7.03 -5.93 -17.64
C GLY A 109 -7.51 -7.37 -17.77
N ILE A 110 -8.28 -7.86 -16.79
CA ILE A 110 -8.80 -9.21 -16.88
C ILE A 110 -10.31 -9.25 -17.04
N ALA A 111 -10.95 -8.12 -16.81
CA ALA A 111 -12.41 -8.02 -16.83
C ALA A 111 -13.08 -8.50 -18.13
N GLU A 112 -12.46 -8.26 -19.29
CA GLU A 112 -13.12 -8.50 -20.55
C GLU A 112 -13.05 -9.98 -20.91
N LYS A 113 -11.91 -10.61 -20.71
CA LYS A 113 -11.79 -12.07 -20.86
C LYS A 113 -12.58 -12.80 -19.74
N GLY A 114 -12.69 -12.16 -18.58
CA GLY A 114 -13.34 -12.71 -17.40
C GLY A 114 -12.44 -13.13 -16.25
N TYR A 115 -13.09 -13.66 -15.21
CA TYR A 115 -12.47 -13.94 -13.95
C TYR A 115 -13.31 -14.83 -13.03
N ARG A 116 -12.66 -15.42 -12.04
CA ARG A 116 -13.30 -16.26 -11.04
C ARG A 116 -13.14 -15.56 -9.69
N LEU A 117 -14.20 -15.61 -8.88
CA LEU A 117 -14.20 -15.21 -7.49
C LEU A 117 -14.39 -16.43 -6.61
N ILE A 118 -13.59 -16.55 -5.54
CA ILE A 118 -13.67 -17.69 -4.61
C ILE A 118 -13.57 -17.19 -3.20
N THR A 119 -14.47 -17.65 -2.34
CA THR A 119 -14.28 -17.51 -0.91
C THR A 119 -14.51 -18.87 -0.24
N ASN A 120 -13.77 -19.09 0.84
CA ASN A 120 -13.72 -20.36 1.54
C ASN A 120 -14.04 -20.17 3.01
N CYS A 121 -14.67 -21.18 3.57
CA CYS A 121 -15.05 -21.19 4.98
CA CYS A 121 -15.09 -21.18 4.92
C CYS A 121 -14.51 -22.45 5.56
N GLY A 122 -13.52 -22.31 6.44
CA GLY A 122 -13.00 -23.51 7.16
C GLY A 122 -11.82 -24.19 6.49
N VAL A 123 -11.08 -25.01 7.27
CA VAL A 123 -9.84 -25.63 6.77
C VAL A 123 -10.14 -26.72 5.74
N ALA A 124 -11.27 -27.40 5.87
CA ALA A 124 -11.71 -28.38 4.87
C ALA A 124 -11.87 -27.73 3.50
N ALA A 125 -12.35 -26.49 3.49
CA ALA A 125 -12.40 -25.71 2.24
C ALA A 125 -11.07 -25.04 1.82
N GLY A 126 -9.99 -25.28 2.55
CA GLY A 126 -8.68 -24.68 2.23
C GLY A 126 -8.39 -23.31 2.85
N GLN A 127 -9.27 -22.79 3.71
CA GLN A 127 -9.00 -21.49 4.35
C GLN A 127 -7.83 -21.67 5.35
N THR A 128 -6.86 -20.78 5.24
CA THR A 128 -5.67 -20.73 6.10
C THR A 128 -5.48 -19.40 6.84
N VAL A 129 -6.11 -18.32 6.38
CA VAL A 129 -6.17 -17.04 7.05
C VAL A 129 -7.62 -16.80 7.35
N PHE A 130 -7.96 -16.76 8.65
CA PHE A 130 -9.31 -16.67 9.15
C PHE A 130 -9.77 -15.25 9.33
N HIS A 131 -9.71 -14.53 8.23
CA HIS A 131 -10.29 -13.20 8.09
C HIS A 131 -10.86 -13.26 6.67
N LEU A 132 -12.16 -13.05 6.60
CA LEU A 132 -12.97 -13.11 5.37
C LEU A 132 -12.31 -12.48 4.18
N HIS A 133 -12.18 -13.25 3.10
CA HIS A 133 -11.73 -12.61 1.86
C HIS A 133 -12.22 -13.37 0.65
N TYR A 134 -12.31 -12.67 -0.49
CA TYR A 134 -12.45 -13.33 -1.77
C TYR A 134 -11.17 -13.26 -2.54
N HIS A 135 -10.91 -14.35 -3.25
CA HIS A 135 -9.86 -14.40 -4.23
C HIS A 135 -10.44 -14.03 -5.58
N LEU A 136 -9.77 -13.09 -6.25
CA LEU A 136 -10.09 -12.68 -7.59
C LEU A 136 -8.94 -13.21 -8.42
N LEU A 137 -9.32 -14.13 -9.31
CA LEU A 137 -8.40 -14.82 -10.14
C LEU A 137 -8.70 -14.57 -11.61
N GLY A 138 -7.63 -14.39 -12.40
CA GLY A 138 -7.75 -14.14 -13.85
C GLY A 138 -6.45 -14.19 -14.63
N GLY A 139 -6.54 -13.96 -15.94
CA GLY A 139 -5.38 -13.87 -16.83
C GLY A 139 -4.89 -15.20 -17.35
N VAL A 140 -5.64 -16.27 -17.14
CA VAL A 140 -5.31 -17.56 -17.72
C VAL A 140 -6.65 -18.24 -17.99
N ASP A 141 -6.76 -19.06 -19.05
CA ASP A 141 -7.99 -19.86 -19.30
CA ASP A 141 -7.99 -19.76 -19.28
C ASP A 141 -8.02 -20.92 -18.24
N GLY A 143 -10.98 -22.87 -17.54
CA GLY A 143 -11.69 -24.00 -18.11
C GLY A 143 -12.74 -24.66 -17.22
N PRO A 144 -13.17 -25.89 -17.60
CA PRO A 144 -14.41 -26.52 -17.09
C PRO A 144 -14.47 -26.85 -15.55
N LYS A 145 -13.57 -27.69 -15.04
CA LYS A 145 -13.57 -28.15 -13.61
C LYS A 145 -13.34 -26.98 -12.62
N ILE A 146 -14.33 -26.71 -11.78
CA ILE A 146 -14.23 -25.63 -10.75
C ILE A 146 -13.54 -26.07 -9.43
N LEU A 147 -13.33 -27.37 -9.30
CA LEU A 147 -12.73 -27.96 -8.13
C LEU A 147 -11.63 -28.91 -8.62
CA THR B 33 5.97 8.51 -14.52
C THR B 33 7.38 8.54 -15.13
N LEU B 34 8.29 7.63 -14.67
CA LEU B 34 9.53 7.11 -15.39
C LEU B 34 9.70 5.59 -15.13
N GLU B 35 10.34 4.87 -16.05
CA GLU B 35 10.36 3.39 -16.04
C GLU B 35 11.47 2.73 -15.20
N ASN B 36 12.66 3.36 -15.16
CA ASN B 36 13.76 2.83 -14.34
C ASN B 36 13.56 3.06 -12.81
N CYS B 37 12.46 3.70 -12.38
CA CYS B 37 12.40 4.41 -11.09
C CYS B 37 11.65 3.64 -10.03
N VAL B 38 12.32 3.30 -8.95
CA VAL B 38 11.75 2.44 -7.92
C VAL B 38 10.52 3.09 -7.27
N PHE B 39 10.52 4.41 -7.08
CA PHE B 39 9.40 5.05 -6.38
C PHE B 39 8.14 5.16 -7.25
N CYS B 40 8.34 5.51 -8.50
CA CYS B 40 7.28 5.44 -9.51
C CYS B 40 6.65 4.03 -9.57
N LYS B 41 7.49 2.99 -9.62
CA LYS B 41 6.98 1.62 -9.55
C LYS B 41 6.11 1.40 -8.31
N ILE B 42 6.60 1.86 -7.16
CA ILE B 42 5.85 1.68 -5.91
C ILE B 42 4.49 2.37 -6.00
N ILE B 43 4.49 3.57 -6.57
CA ILE B 43 3.27 4.33 -6.76
C ILE B 43 2.30 3.60 -7.74
N LYS B 44 2.83 3.03 -8.81
CA LYS B 44 2.01 2.29 -9.79
C LYS B 44 1.74 0.83 -9.33
N ARG B 45 2.06 0.45 -8.08
CA ARG B 45 1.78 -0.91 -7.53
C ARG B 45 2.48 -2.07 -8.26
N GLU B 46 3.63 -1.75 -8.82
CA GLU B 46 4.51 -2.74 -9.41
C GLU B 46 5.52 -3.21 -8.37
N LEU B 47 5.56 -2.54 -7.21
CA LEU B 47 6.28 -3.02 -6.05
C LEU B 47 5.47 -2.81 -4.77
N PRO B 48 5.70 -3.68 -3.76
CA PRO B 48 5.09 -3.51 -2.46
C PRO B 48 5.62 -2.31 -1.65
N SER B 49 4.86 -1.94 -0.63
CA SER B 49 5.21 -0.82 0.22
C SER B 49 4.37 -0.88 1.48
N THR B 50 4.71 -0.02 2.42
CA THR B 50 3.89 0.29 3.58
C THR B 50 3.59 1.79 3.43
N ILE B 51 2.31 2.16 3.30
CA ILE B 51 1.91 3.50 2.90
C ILE B 51 1.26 4.14 4.12
N TYR B 52 1.90 5.15 4.66
CA TYR B 52 1.33 5.85 5.82
C TYR B 52 0.50 7.06 5.43
N TYR B 53 0.66 7.56 4.21
CA TYR B 53 -0.14 8.67 3.76
C TYR B 53 -0.11 8.71 2.26
N GLU B 54 -1.27 9.03 1.68
CA GLU B 54 -1.40 9.06 0.24
C GLU B 54 -2.55 9.95 -0.23
N ASP B 55 -2.25 10.75 -1.26
CA ASP B 55 -3.26 11.43 -2.05
C ASP B 55 -2.70 11.52 -3.44
N GLU B 56 -3.27 12.35 -4.28
CA GLU B 56 -2.88 12.41 -5.72
C GLU B 56 -1.59 13.20 -5.99
N ARG B 57 -1.10 13.94 -5.00
CA ARG B 57 0.14 14.73 -5.19
C ARG B 57 1.34 14.11 -4.50
N VAL B 58 1.12 13.45 -3.36
CA VAL B 58 2.19 12.93 -2.52
C VAL B 58 1.89 11.55 -1.85
N ILE B 59 2.97 10.82 -1.56
CA ILE B 59 2.90 9.54 -0.89
C ILE B 59 4.02 9.41 0.15
N ALA B 60 3.70 8.75 1.24
CA ALA B 60 4.60 8.56 2.36
C ALA B 60 4.72 7.09 2.65
N ILE B 61 5.91 6.55 2.47
CA ILE B 61 6.18 5.12 2.69
C ILE B 61 7.28 4.79 3.70
N LYS B 62 7.26 3.56 4.23
CA LYS B 62 8.34 3.03 5.04
C LYS B 62 9.57 2.87 4.19
N ASP B 63 10.71 3.35 4.67
CA ASP B 63 12.01 3.07 4.02
C ASP B 63 12.27 1.60 4.28
N ILE B 64 12.75 0.92 3.24
CA ILE B 64 12.93 -0.51 3.32
C ILE B 64 14.12 -0.86 4.22
N ASN B 65 15.01 0.12 4.47
CA ASN B 65 16.24 -0.04 5.25
C ASN B 65 16.34 1.13 6.27
N PRO B 66 15.53 1.08 7.30
CA PRO B 66 15.35 2.24 8.14
C PRO B 66 16.60 2.58 8.93
N ALA B 67 16.96 3.86 8.96
CA ALA B 67 18.11 4.34 9.70
C ALA B 67 17.73 4.65 11.16
N ALA B 68 16.45 4.49 11.51
CA ALA B 68 15.91 4.89 12.78
C ALA B 68 14.59 4.18 12.97
N PRO B 69 14.09 4.11 14.20
CA PRO B 69 12.87 3.35 14.40
C PRO B 69 11.68 3.85 13.60
N VAL B 70 11.61 5.14 13.33
CA VAL B 70 10.67 5.64 12.34
C VAL B 70 11.48 6.23 11.22
N HIS B 71 11.31 5.64 10.04
CA HIS B 71 11.99 6.14 8.87
C HIS B 71 11.04 6.06 7.67
N VAL B 72 10.56 7.25 7.28
CA VAL B 72 9.56 7.39 6.27
C VAL B 72 10.11 8.20 5.12
N LEU B 73 9.78 7.79 3.89
CA LEU B 73 10.09 8.56 2.71
C LEU B 73 8.86 9.35 2.27
N ILE B 74 9.01 10.66 2.14
CA ILE B 74 7.90 11.49 1.65
C ILE B 74 8.20 11.85 0.22
N ILE B 75 7.36 11.37 -0.70
CA ILE B 75 7.65 11.31 -2.14
C ILE B 75 6.51 11.92 -2.97
N PRO B 76 6.80 12.98 -3.74
CA PRO B 76 5.76 13.48 -4.65
C PRO B 76 5.49 12.51 -5.77
N LYS B 77 4.22 12.33 -6.12
CA LYS B 77 3.87 11.39 -7.18
C LYS B 77 4.46 11.76 -8.51
N GLU B 78 4.67 13.04 -8.76
CA GLU B 78 5.33 13.46 -10.02
C GLU B 78 6.82 13.16 -9.89
N HIS B 79 7.41 12.68 -10.96
CA HIS B 79 8.79 12.30 -10.98
C HIS B 79 9.62 13.57 -11.30
N ILE B 80 9.96 14.27 -10.23
CA ILE B 80 10.90 15.40 -10.21
C ILE B 80 12.21 14.83 -9.72
N ALA B 81 13.30 15.13 -10.39
CA ALA B 81 14.56 14.44 -10.12
C ALA B 81 15.15 14.67 -8.68
N ASN B 82 14.94 15.87 -8.12
CA ASN B 82 15.58 16.33 -6.87
C ASN B 82 15.20 17.79 -6.59
N VAL B 83 15.65 18.38 -5.47
CA VAL B 83 15.19 19.73 -5.13
C VAL B 83 15.78 20.79 -6.05
N LYS B 84 16.85 20.45 -6.76
CA LYS B 84 17.40 21.33 -7.74
C LYS B 84 16.43 21.61 -8.89
N GLU B 85 15.49 20.71 -9.20
CA GLU B 85 14.56 20.92 -10.31
C GLU B 85 13.28 21.57 -9.85
N ILE B 86 13.23 21.98 -8.59
CA ILE B 86 12.11 22.77 -8.12
C ILE B 86 12.29 24.22 -8.56
N ASN B 87 11.25 24.77 -9.19
CA ASN B 87 11.25 26.16 -9.68
C ASN B 87 9.83 26.74 -9.58
N GLU B 88 9.59 27.90 -10.17
CA GLU B 88 8.30 28.61 -10.07
C GLU B 88 7.04 27.71 -10.34
N SER B 89 7.07 26.84 -11.36
CA SER B 89 5.92 25.95 -11.68
C SER B 89 5.56 24.89 -10.61
N ASN B 90 6.52 24.06 -10.24
CA ASN B 90 6.28 22.85 -9.41
C ASN B 90 6.38 23.04 -7.86
N ALA B 91 6.83 24.22 -7.44
CA ALA B 91 7.27 24.46 -6.06
C ALA B 91 6.23 24.25 -4.98
N GLN B 92 4.95 24.40 -5.32
CA GLN B 92 3.90 24.20 -4.31
C GLN B 92 3.98 22.76 -3.72
N ILE B 93 4.58 21.81 -4.47
CA ILE B 93 4.77 20.41 -3.97
C ILE B 93 5.53 20.36 -2.61
N LEU B 94 6.44 21.30 -2.40
CA LEU B 94 7.21 21.41 -1.15
C LEU B 94 6.35 21.53 0.08
N ILE B 95 5.27 22.25 -0.12
CA ILE B 95 4.28 22.44 0.92
C ILE B 95 3.54 21.14 1.20
N ASP B 96 3.17 20.43 0.13
CA ASP B 96 2.48 19.12 0.30
C ASP B 96 3.38 18.14 1.06
N ILE B 97 4.65 18.11 0.64
CA ILE B 97 5.67 17.25 1.22
C ILE B 97 5.75 17.54 2.68
N HIS B 98 5.94 18.81 3.03
CA HIS B 98 6.06 19.17 4.43
C HIS B 98 4.80 18.99 5.25
N LYS B 99 3.63 19.24 4.68
CA LYS B 99 2.35 18.92 5.40
C LYS B 99 2.27 17.36 5.64
N ALA B 100 2.60 16.56 4.63
CA ALA B 100 2.57 15.10 4.80
C ALA B 100 3.55 14.61 5.89
N ALA B 101 4.80 15.08 5.81
CA ALA B 101 5.79 14.82 6.88
C ALA B 101 5.25 15.08 8.27
N ASN B 102 4.67 16.28 8.48
CA ASN B 102 4.11 16.63 9.79
C ASN B 102 2.95 15.70 10.19
N LYS B 103 2.05 15.37 9.26
CA LYS B 103 0.92 14.48 9.60
C LYS B 103 1.46 13.12 9.99
N VAL B 104 2.43 12.63 9.21
CA VAL B 104 2.98 11.31 9.48
C VAL B 104 3.73 11.25 10.80
N ALA B 105 4.49 12.30 11.13
CA ALA B 105 5.20 12.39 12.42
C ALA B 105 4.22 12.30 13.60
N GLU B 106 3.11 13.00 13.45
CA GLU B 106 1.96 12.88 14.35
C GLU B 106 1.46 11.44 14.41
N ASP B 107 1.12 10.87 13.26
CA ASP B 107 0.49 9.53 13.25
C ASP B 107 1.38 8.46 13.84
N LEU B 108 2.70 8.57 13.61
CA LEU B 108 3.63 7.58 14.11
C LEU B 108 4.21 7.91 15.47
N GLY B 109 3.67 8.93 16.13
CA GLY B 109 4.03 9.23 17.56
C GLY B 109 5.39 9.89 17.84
N ILE B 110 5.97 10.54 16.85
CA ILE B 110 7.33 11.13 17.00
C ILE B 110 7.30 12.67 17.07
N ALA B 111 6.13 13.25 16.80
CA ALA B 111 5.91 14.69 16.77
C ALA B 111 6.31 15.44 18.05
N GLU B 112 5.90 14.95 19.24
CA GLU B 112 6.17 15.64 20.51
C GLU B 112 7.68 15.57 20.82
N LYS B 113 8.26 14.36 20.80
CA LYS B 113 9.68 14.20 21.11
C LYS B 113 10.61 14.84 20.04
N GLY B 114 10.19 14.80 18.77
CA GLY B 114 10.97 15.39 17.69
C GLY B 114 11.39 14.48 16.53
N TYR B 115 11.70 15.11 15.41
CA TYR B 115 12.15 14.44 14.22
C TYR B 115 12.98 15.31 13.29
N ARG B 116 13.64 14.62 12.35
CA ARG B 116 14.55 15.25 11.41
C ARG B 116 14.09 14.98 9.99
N LEU B 117 14.21 16.00 9.12
CA LEU B 117 13.89 15.89 7.70
C LEU B 117 15.13 16.10 6.89
N ILE B 118 15.38 15.24 5.90
CA ILE B 118 16.57 15.34 5.07
C ILE B 118 16.19 15.14 3.62
N THR B 119 16.67 15.96 2.70
CA THR B 119 16.62 15.59 1.28
C THR B 119 18.00 15.77 0.67
N ASN B 120 18.30 14.94 -0.29
CA ASN B 120 19.61 14.83 -0.89
C ASN B 120 19.52 15.13 -2.33
N CYS B 121 20.56 15.78 -2.85
CA CYS B 121 20.62 16.17 -4.23
CA CYS B 121 20.66 16.23 -4.25
C CYS B 121 22.00 15.81 -4.79
N GLY B 122 22.02 14.88 -5.75
CA GLY B 122 23.25 14.43 -6.40
C GLY B 122 24.11 13.40 -5.67
N VAL B 123 25.23 13.10 -6.32
CA VAL B 123 26.17 12.06 -5.91
C VAL B 123 26.79 12.37 -4.56
N ALA B 124 27.22 13.60 -4.36
CA ALA B 124 27.89 13.99 -3.11
C ALA B 124 27.02 13.75 -1.91
N ALA B 125 25.70 13.87 -2.11
CA ALA B 125 24.77 13.63 -1.04
C ALA B 125 24.24 12.20 -0.98
N GLY B 126 24.83 11.29 -1.76
CA GLY B 126 24.38 9.90 -1.92
C GLY B 126 22.91 9.71 -2.26
N GLN B 127 22.36 10.55 -3.14
CA GLN B 127 21.00 10.31 -3.68
C GLN B 127 21.23 9.14 -4.62
N THR B 128 20.59 8.04 -4.31
CA THR B 128 20.82 6.82 -5.06
C THR B 128 19.62 6.74 -6.03
N VAL B 129 18.43 7.13 -5.56
CA VAL B 129 17.21 7.15 -6.35
C VAL B 129 16.87 8.57 -6.81
N PHE B 130 16.78 8.73 -8.11
CA PHE B 130 16.68 10.05 -8.75
C PHE B 130 15.26 10.51 -8.96
N HIS B 131 14.48 10.44 -7.87
CA HIS B 131 13.13 10.95 -7.77
C HIS B 131 13.10 11.59 -6.40
N LEU B 132 12.74 12.85 -6.39
CA LEU B 132 12.75 13.67 -5.19
C LEU B 132 12.05 12.99 -4.03
N HIS B 133 12.73 12.94 -2.89
CA HIS B 133 12.15 12.49 -1.65
C HIS B 133 12.84 13.16 -0.49
N TYR B 134 12.08 13.29 0.59
CA TYR B 134 12.56 13.63 1.88
C TYR B 134 12.52 12.42 2.79
N HIS B 135 13.53 12.28 3.62
CA HIS B 135 13.53 11.30 4.70
C HIS B 135 13.04 11.97 5.95
N LEU B 136 12.12 11.29 6.65
CA LEU B 136 11.59 11.64 7.92
C LEU B 136 12.04 10.61 8.96
N LEU B 137 12.80 11.06 9.96
CA LEU B 137 13.47 10.23 10.92
C LEU B 137 13.10 10.58 12.32
N GLY B 138 12.81 9.56 13.10
CA GLY B 138 12.40 9.77 14.47
C GLY B 138 12.39 8.54 15.32
N GLY B 139 11.85 8.70 16.53
CA GLY B 139 11.70 7.62 17.52
C GLY B 139 12.96 7.24 18.27
N VAL B 140 14.01 8.04 18.14
CA VAL B 140 15.26 7.87 18.86
C VAL B 140 15.90 9.26 19.05
N ASP B 141 16.74 9.42 20.06
CA ASP B 141 17.44 10.68 20.31
C ASP B 141 18.71 10.74 19.49
N GLY B 143 20.67 13.49 18.68
CA GLY B 143 21.65 14.51 19.00
C GLY B 143 21.85 15.48 17.85
N PRO B 144 22.74 16.48 18.03
CA PRO B 144 22.89 17.56 17.04
C PRO B 144 23.97 17.33 16.01
N LYS B 145 24.66 16.18 16.02
CA LYS B 145 25.60 15.85 14.91
C LYS B 145 24.72 15.46 13.67
N ILE B 146 24.74 16.32 12.66
CA ILE B 146 23.89 16.14 11.46
C ILE B 146 24.61 15.49 10.30
N LEU B 147 25.93 15.53 10.35
CA LEU B 147 26.78 14.74 9.51
C LEU B 147 27.67 13.82 10.38
#